data_4KKH
#
_entry.id   4KKH
#
_cell.length_a   52.324
_cell.length_b   71.499
_cell.length_c   107.081
_cell.angle_alpha   90.00
_cell.angle_beta   90.00
_cell.angle_gamma   90.00
#
_symmetry.space_group_name_H-M   'P 21 21 21'
#
loop_
_entity.id
_entity.type
_entity.pdbx_description
1 polymer 'Mitogen-activated protein kinase 10'
2 non-polymer cyclopropyl[(3R)-3-({4-[6-hydroxy-2-(naphthalen-2-yl)-1H-benzimidazol-1-yl]pyrimidin-2-yl}amino)piperidin-1-yl]methanone
3 water water
#
_entity_poly.entity_id   1
_entity_poly.type   'polypeptide(L)'
_entity_poly.pdbx_seq_one_letter_code
;MGSKSKVDNQFYSVEVGDSTFTVLKRYQNLKPIGSGAQGIVCAAYDAVLDRNVAIKKLSRPFQNQTHAKRAYRELVLMKC
VNHKNIISLLNVFTPQKTLEEFQDVYLVMELMDANLCQVIQMELDHERMSYLLYQMLCGIKHLHSAGIIHRDLKPSNIVV
KSDCTLKILDFGLARTAGTSFMMTPYVVTRYYRAPEVILGMGYKENVDIWSVGCIMGEMVRHKILFPGRDYIDQWNKVIE
QLGTPCPEFMKKLQPTVRNYVENRPKYAGLTFPKLFPDSLFPADSEHNKLKASQARDLLSKMLVIDPAKRISVDDALQHP
YINVWYDPAEVEAPPPQIYDKQLDEREHTIEEWKELIYKEVMNSE
;
_entity_poly.pdbx_strand_id   A
#
# COMPACT_ATOMS: atom_id res chain seq x y z
N ASP A 8 33.33 -22.90 -6.74
CA ASP A 8 32.03 -22.90 -7.47
C ASP A 8 31.16 -21.72 -7.03
N ASN A 9 30.60 -21.01 -8.01
CA ASN A 9 29.75 -19.87 -7.72
C ASN A 9 28.32 -19.99 -8.25
N GLN A 10 27.35 -20.00 -7.33
CA GLN A 10 25.93 -20.03 -7.64
C GLN A 10 25.40 -18.68 -8.14
N PHE A 11 26.25 -17.66 -8.11
CA PHE A 11 25.84 -16.29 -8.38
C PHE A 11 26.63 -15.66 -9.52
N TYR A 12 26.10 -14.58 -10.08
CA TYR A 12 26.83 -13.76 -11.04
C TYR A 12 26.44 -12.29 -10.87
N SER A 13 27.23 -11.38 -11.41
CA SER A 13 27.00 -9.95 -11.21
C SER A 13 26.84 -9.21 -12.53
N VAL A 14 25.84 -8.33 -12.54
CA VAL A 14 25.59 -7.40 -13.66
C VAL A 14 25.21 -6.05 -13.11
N GLU A 15 25.55 -5.01 -13.88
CA GLU A 15 25.15 -3.67 -13.55
C GLU A 15 23.80 -3.39 -14.22
N VAL A 16 22.79 -3.13 -13.40
CA VAL A 16 21.47 -2.73 -13.91
C VAL A 16 21.16 -1.32 -13.40
N GLY A 17 21.30 -0.35 -14.30
CA GLY A 17 21.28 1.06 -13.93
C GLY A 17 22.55 1.40 -13.17
N ASP A 18 22.40 2.20 -12.11
CA ASP A 18 23.52 2.59 -11.25
C ASP A 18 23.99 1.43 -10.37
N SER A 19 23.09 0.45 -10.18
CA SER A 19 23.29 -0.61 -9.20
C SER A 19 23.92 -1.89 -9.74
N THR A 20 24.60 -2.61 -8.85
CA THR A 20 25.12 -3.93 -9.16
C THR A 20 24.21 -5.00 -8.56
N PHE A 21 23.71 -5.89 -9.41
CA PHE A 21 22.89 -7.02 -8.95
C PHE A 21 23.70 -8.30 -8.94
N THR A 22 23.79 -8.93 -7.78
CA THR A 22 24.43 -10.24 -7.63
C THR A 22 23.37 -11.28 -7.29
N VAL A 23 22.98 -12.04 -8.31
CA VAL A 23 21.82 -12.91 -8.21
C VAL A 23 22.15 -14.36 -8.53
N LEU A 24 21.32 -15.27 -8.05
CA LEU A 24 21.41 -16.66 -8.48
C LEU A 24 21.40 -16.78 -10.01
N LYS A 25 22.16 -17.73 -10.52
CA LYS A 25 22.28 -17.89 -11.98
C LYS A 25 20.96 -18.25 -12.67
N ARG A 26 20.02 -18.84 -11.92
CA ARG A 26 18.66 -19.08 -12.41
C ARG A 26 17.95 -17.85 -12.98
N TYR A 27 18.31 -16.68 -12.45
CA TYR A 27 17.67 -15.42 -12.83
C TYR A 27 18.46 -14.74 -13.96
N GLN A 28 17.80 -14.62 -15.11
CA GLN A 28 18.46 -14.25 -16.33
C GLN A 28 17.85 -13.02 -16.97
N ASN A 29 18.67 -12.31 -17.75
CA ASN A 29 18.22 -11.20 -18.57
C ASN A 29 17.51 -10.15 -17.72
N LEU A 30 18.24 -9.60 -16.76
CA LEU A 30 17.71 -8.62 -15.83
C LEU A 30 17.49 -7.27 -16.50
N LYS A 31 16.30 -6.70 -16.29
CA LYS A 31 15.95 -5.38 -16.84
C LYS A 31 15.51 -4.48 -15.69
N PRO A 32 15.98 -3.22 -15.68
CA PRO A 32 15.59 -2.32 -14.59
C PRO A 32 14.10 -2.01 -14.63
N ILE A 33 13.51 -1.88 -13.45
CA ILE A 33 12.13 -1.43 -13.30
C ILE A 33 12.19 -0.04 -12.67
N GLY A 34 12.93 0.05 -11.56
CA GLY A 34 13.21 1.33 -10.91
C GLY A 34 14.11 1.22 -9.70
N SER A 35 14.39 2.36 -9.07
CA SER A 35 15.10 2.41 -7.81
C SER A 35 14.46 3.42 -6.86
N GLY A 36 14.16 2.98 -5.65
CA GLY A 36 13.60 3.84 -4.61
C GLY A 36 14.56 3.98 -3.44
N ALA A 37 14.08 4.61 -2.37
CA ALA A 37 14.89 4.87 -1.17
C ALA A 37 15.23 3.59 -0.40
N GLN A 38 14.33 2.60 -0.47
CA GLN A 38 14.46 1.38 0.35
C GLN A 38 14.69 0.10 -0.47
N GLY A 39 14.61 0.22 -1.79
CA GLY A 39 14.85 -0.92 -2.68
C GLY A 39 15.10 -0.58 -4.14
N ILE A 40 15.83 -1.46 -4.80
CA ILE A 40 16.09 -1.39 -6.24
C ILE A 40 15.46 -2.62 -6.89
N VAL A 41 14.69 -2.42 -7.95
CA VAL A 41 13.87 -3.48 -8.53
C VAL A 41 14.20 -3.78 -10.00
N CYS A 42 14.17 -5.06 -10.36
CA CYS A 42 14.39 -5.48 -11.75
C CYS A 42 13.49 -6.65 -12.15
N ALA A 43 13.25 -6.77 -13.45
CA ALA A 43 12.54 -7.93 -14.02
C ALA A 43 13.60 -8.93 -14.43
N ALA A 44 13.25 -10.21 -14.36
CA ALA A 44 14.15 -11.28 -14.78
C ALA A 44 13.38 -12.50 -15.26
N TYR A 45 14.04 -13.32 -16.05
CA TYR A 45 13.53 -14.64 -16.38
C TYR A 45 14.09 -15.66 -15.39
N ASP A 46 13.22 -16.46 -14.80
CA ASP A 46 13.65 -17.50 -13.88
C ASP A 46 13.68 -18.83 -14.63
N ALA A 47 14.90 -19.27 -14.95
CA ALA A 47 15.10 -20.48 -15.77
C ALA A 47 14.70 -21.79 -15.08
N VAL A 48 14.54 -21.77 -13.76
CA VAL A 48 14.15 -22.97 -13.02
C VAL A 48 12.62 -23.10 -12.98
N LEU A 49 11.95 -21.98 -12.77
CA LEU A 49 10.50 -21.98 -12.74
C LEU A 49 9.92 -21.85 -14.15
N ASP A 50 10.75 -21.44 -15.11
CA ASP A 50 10.32 -21.12 -16.47
C ASP A 50 9.19 -20.09 -16.45
N ARG A 51 9.45 -18.97 -15.77
CA ARG A 51 8.55 -17.82 -15.80
C ARG A 51 9.26 -16.52 -15.45
N ASN A 52 8.60 -15.41 -15.70
CA ASN A 52 9.16 -14.10 -15.41
C ASN A 52 8.93 -13.72 -13.95
N VAL A 53 9.92 -13.07 -13.35
CA VAL A 53 9.88 -12.70 -11.95
C VAL A 53 10.31 -11.24 -11.77
N ALA A 54 9.96 -10.68 -10.61
CA ALA A 54 10.54 -9.41 -10.20
C ALA A 54 11.42 -9.63 -8.98
N ILE A 55 12.56 -8.96 -8.97
CA ILE A 55 13.55 -9.08 -7.90
C ILE A 55 13.83 -7.71 -7.25
N LYS A 56 13.66 -7.65 -5.93
CA LYS A 56 14.03 -6.44 -5.19
C LYS A 56 15.29 -6.67 -4.36
N LYS A 57 16.27 -5.80 -4.58
CA LYS A 57 17.49 -5.73 -3.78
C LYS A 57 17.34 -4.71 -2.64
N LEU A 58 17.51 -5.19 -1.42
CA LEU A 58 17.65 -4.32 -0.26
C LEU A 58 19.15 -4.19 0.06
N SER A 59 19.72 -3.00 -0.14
CA SER A 59 21.14 -2.75 0.13
C SER A 59 21.37 -2.41 1.60
N ARG A 60 22.11 -3.28 2.30
CA ARG A 60 22.45 -3.05 3.71
C ARG A 60 21.21 -2.55 4.49
N PRO A 61 20.14 -3.37 4.51
CA PRO A 61 18.90 -2.86 5.11
C PRO A 61 19.04 -2.56 6.60
N PHE A 62 20.10 -3.09 7.21
CA PHE A 62 20.38 -2.88 8.63
C PHE A 62 21.10 -1.55 8.92
N GLN A 63 21.31 -0.75 7.87
CA GLN A 63 22.12 0.46 7.96
C GLN A 63 21.57 1.54 8.89
N ASN A 64 20.27 1.51 9.17
CA ASN A 64 19.65 2.38 10.16
C ASN A 64 18.34 1.77 10.68
N GLN A 65 17.86 2.29 11.80
CA GLN A 65 16.68 1.73 12.47
C GLN A 65 15.46 1.75 11.57
N THR A 66 15.32 2.79 10.75
CA THR A 66 14.16 2.92 9.86
C THR A 66 14.18 1.86 8.74
N HIS A 67 15.27 1.77 8.01
CA HIS A 67 15.43 0.71 7.01
C HIS A 67 15.24 -0.67 7.66
N ALA A 68 15.90 -0.91 8.78
CA ALA A 68 15.99 -2.25 9.37
C ALA A 68 14.67 -2.76 9.89
N LYS A 69 13.93 -1.89 10.59
CA LYS A 69 12.66 -2.29 11.20
C LYS A 69 11.68 -2.66 10.09
N ARG A 70 11.64 -1.85 9.04
CA ARG A 70 10.80 -2.14 7.89
C ARG A 70 11.20 -3.44 7.19
N ALA A 71 12.48 -3.59 6.85
CA ALA A 71 12.96 -4.80 6.16
C ALA A 71 12.64 -6.07 6.95
N TYR A 72 12.90 -6.00 8.25
CA TYR A 72 12.71 -7.15 9.12
C TYR A 72 11.25 -7.53 9.21
N ARG A 73 10.41 -6.55 9.55
CA ARG A 73 8.96 -6.74 9.68
C ARG A 73 8.36 -7.26 8.39
N GLU A 74 8.77 -6.69 7.25
CA GLU A 74 8.25 -7.14 5.97
C GLU A 74 8.66 -8.59 5.63
N LEU A 75 9.89 -8.96 5.95
CA LEU A 75 10.33 -10.35 5.78
C LEU A 75 9.53 -11.34 6.63
N VAL A 76 9.31 -11.00 7.88
CA VAL A 76 8.51 -11.86 8.77
C VAL A 76 7.09 -11.99 8.20
N LEU A 77 6.44 -10.85 7.95
CA LEU A 77 5.06 -10.86 7.46
C LEU A 77 4.86 -11.57 6.13
N MET A 78 5.84 -11.46 5.23
CA MET A 78 5.76 -12.11 3.91
C MET A 78 5.68 -13.62 4.03
N LYS A 79 6.41 -14.17 5.00
CA LYS A 79 6.44 -15.60 5.26
C LYS A 79 5.18 -16.09 5.96
N CYS A 80 4.43 -15.18 6.55
CA CYS A 80 3.20 -15.51 7.30
C CYS A 80 1.91 -15.44 6.46
N VAL A 81 1.74 -14.36 5.69
CA VAL A 81 0.53 -14.13 4.91
C VAL A 81 0.38 -15.13 3.75
N ASN A 82 -0.85 -15.36 3.32
CA ASN A 82 -1.12 -16.31 2.25
C ASN A 82 -2.40 -15.93 1.49
N HIS A 83 -2.26 -15.05 0.51
CA HIS A 83 -3.42 -14.52 -0.19
C HIS A 83 -3.04 -13.95 -1.55
N LYS A 84 -3.89 -14.24 -2.54
CA LYS A 84 -3.62 -13.90 -3.94
C LYS A 84 -3.50 -12.39 -4.20
N ASN A 85 -4.06 -11.57 -3.32
CA ASN A 85 -3.97 -10.11 -3.49
C ASN A 85 -2.85 -9.44 -2.68
N ILE A 86 -2.01 -10.27 -2.07
CA ILE A 86 -0.90 -9.79 -1.26
C ILE A 86 0.37 -10.43 -1.81
N ILE A 87 1.46 -9.68 -1.86
CA ILE A 87 2.72 -10.22 -2.32
C ILE A 87 3.00 -11.59 -1.66
N SER A 88 3.42 -12.54 -2.48
CA SER A 88 3.93 -13.82 -1.98
C SER A 88 5.33 -14.02 -2.49
N LEU A 89 6.22 -14.37 -1.58
CA LEU A 89 7.64 -14.47 -1.86
C LEU A 89 7.93 -15.78 -2.56
N LEU A 90 8.56 -15.71 -3.73
CA LEU A 90 9.01 -16.92 -4.42
C LEU A 90 10.36 -17.39 -3.89
N ASN A 91 11.20 -16.45 -3.49
CA ASN A 91 12.55 -16.78 -3.07
C ASN A 91 13.13 -15.60 -2.32
N VAL A 92 14.02 -15.89 -1.39
CA VAL A 92 14.82 -14.86 -0.74
C VAL A 92 16.24 -15.38 -0.59
N PHE A 93 17.23 -14.54 -0.90
CA PHE A 93 18.62 -14.96 -0.80
C PHE A 93 19.58 -13.81 -0.56
N THR A 94 20.75 -14.14 -0.03
CA THR A 94 21.88 -13.24 -0.01
C THR A 94 23.07 -13.94 -0.67
N PRO A 95 23.82 -13.22 -1.53
CA PRO A 95 25.04 -13.80 -2.09
C PRO A 95 26.16 -13.93 -1.06
N GLN A 96 26.02 -13.26 0.09
CA GLN A 96 27.08 -13.28 1.11
C GLN A 96 26.98 -14.52 1.98
N LYS A 97 28.14 -15.02 2.39
CA LYS A 97 28.26 -16.38 2.91
C LYS A 97 28.18 -16.51 4.42
N THR A 98 28.48 -15.44 5.15
CA THR A 98 28.33 -15.41 6.62
C THR A 98 27.76 -14.09 7.12
N LEU A 99 27.31 -14.08 8.37
CA LEU A 99 26.76 -12.90 9.04
C LEU A 99 27.72 -11.71 8.97
N GLU A 100 29.00 -11.98 9.17
CA GLU A 100 30.03 -10.94 9.16
C GLU A 100 30.15 -10.27 7.80
N GLU A 101 29.98 -11.06 6.74
CA GLU A 101 30.12 -10.55 5.37
C GLU A 101 28.79 -10.03 4.82
N PHE A 102 27.70 -10.38 5.49
CA PHE A 102 26.33 -10.07 5.07
C PHE A 102 26.10 -8.59 4.74
N GLN A 103 25.65 -8.36 3.51
CA GLN A 103 25.43 -7.02 2.96
C GLN A 103 23.98 -6.81 2.48
N ASP A 104 23.54 -7.64 1.53
CA ASP A 104 22.31 -7.40 0.78
C ASP A 104 21.32 -8.56 0.82
N VAL A 105 20.03 -8.21 0.69
CA VAL A 105 18.92 -9.18 0.63
C VAL A 105 18.20 -9.03 -0.70
N TYR A 106 17.92 -10.16 -1.34
CA TYR A 106 17.18 -10.17 -2.60
C TYR A 106 15.87 -10.88 -2.41
N LEU A 107 14.79 -10.23 -2.82
CA LEU A 107 13.44 -10.76 -2.68
C LEU A 107 12.89 -10.97 -4.08
N VAL A 108 12.20 -12.08 -4.27
CA VAL A 108 11.73 -12.47 -5.60
C VAL A 108 10.25 -12.78 -5.52
N MET A 109 9.51 -12.22 -6.48
CA MET A 109 8.09 -12.48 -6.62
C MET A 109 7.73 -12.58 -8.10
N GLU A 110 6.51 -13.04 -8.36
CA GLU A 110 5.93 -13.07 -9.70
C GLU A 110 6.02 -11.70 -10.40
N LEU A 111 6.40 -11.70 -11.67
CA LEU A 111 6.47 -10.44 -12.42
C LEU A 111 5.06 -9.93 -12.76
N MET A 112 4.72 -8.73 -12.29
CA MET A 112 3.43 -8.16 -12.64
C MET A 112 3.65 -7.16 -13.79
N ASP A 113 2.56 -6.64 -14.36
CA ASP A 113 2.63 -5.87 -15.61
C ASP A 113 2.69 -4.37 -15.42
N ALA A 114 2.02 -3.88 -14.39
CA ALA A 114 1.92 -2.44 -14.23
C ALA A 114 1.76 -2.06 -12.78
N ASN A 115 2.22 -0.85 -12.50
CA ASN A 115 1.97 -0.17 -11.26
C ASN A 115 0.56 0.43 -11.28
N LEU A 116 -0.07 0.57 -10.13
CA LEU A 116 -1.42 1.12 -10.08
C LEU A 116 -1.45 2.61 -10.49
N CYS A 117 -0.38 3.33 -10.23
CA CYS A 117 -0.27 4.72 -10.71
C CYS A 117 -0.58 4.79 -12.20
N GLN A 118 0.04 3.89 -12.98
CA GLN A 118 -0.18 3.83 -14.43
C GLN A 118 -1.64 3.53 -14.75
N VAL A 119 -2.22 2.56 -14.05
CA VAL A 119 -3.61 2.15 -14.27
C VAL A 119 -4.60 3.29 -13.99
N ILE A 120 -4.30 4.07 -12.95
CA ILE A 120 -5.08 5.24 -12.52
C ILE A 120 -5.25 6.27 -13.64
N GLN A 121 -4.24 6.40 -14.48
CA GLN A 121 -4.25 7.38 -15.57
C GLN A 121 -5.08 6.93 -16.76
N MET A 122 -5.50 5.66 -16.76
CA MET A 122 -6.29 5.12 -17.85
C MET A 122 -7.76 5.40 -17.64
N GLU A 123 -8.50 5.49 -18.74
CA GLU A 123 -9.94 5.51 -18.66
C GLU A 123 -10.36 4.07 -18.38
N LEU A 124 -10.98 3.86 -17.23
CA LEU A 124 -11.36 2.51 -16.82
C LEU A 124 -12.87 2.33 -16.80
N ASP A 125 -13.31 1.19 -17.32
CA ASP A 125 -14.72 0.84 -17.21
C ASP A 125 -15.03 0.46 -15.76
N HIS A 126 -16.32 0.32 -15.46
CA HIS A 126 -16.77 0.01 -14.10
C HIS A 126 -16.45 -1.41 -13.68
N GLU A 127 -16.44 -2.32 -14.65
CA GLU A 127 -16.05 -3.70 -14.41
C GLU A 127 -14.63 -3.74 -13.86
N ARG A 128 -13.71 -3.02 -14.52
CA ARG A 128 -12.32 -3.01 -14.09
C ARG A 128 -12.08 -2.25 -12.79
N MET A 129 -12.69 -1.06 -12.66
CA MET A 129 -12.60 -0.29 -11.43
C MET A 129 -13.09 -1.08 -10.23
N SER A 130 -14.32 -1.61 -10.32
CA SER A 130 -14.90 -2.35 -9.20
C SER A 130 -14.08 -3.59 -8.85
N TYR A 131 -13.49 -4.23 -9.85
CA TYR A 131 -12.69 -5.43 -9.65
C TYR A 131 -11.34 -5.13 -8.97
N LEU A 132 -10.67 -4.04 -9.38
CA LEU A 132 -9.48 -3.56 -8.66
C LEU A 132 -9.78 -3.24 -7.18
N LEU A 133 -10.86 -2.51 -6.94
CA LEU A 133 -11.27 -2.14 -5.61
C LEU A 133 -11.61 -3.36 -4.77
N TYR A 134 -12.39 -4.27 -5.34
CA TYR A 134 -12.74 -5.55 -4.68
C TYR A 134 -11.49 -6.28 -4.20
N GLN A 135 -10.49 -6.36 -5.07
CA GLN A 135 -9.23 -7.04 -4.73
C GLN A 135 -8.45 -6.34 -3.64
N MET A 136 -8.43 -5.01 -3.68
CA MET A 136 -7.75 -4.24 -2.64
C MET A 136 -8.40 -4.52 -1.29
N LEU A 137 -9.73 -4.56 -1.29
CA LEU A 137 -10.51 -4.85 -0.08
C LEU A 137 -10.27 -6.27 0.45
N CYS A 138 -10.18 -7.26 -0.45
CA CYS A 138 -9.79 -8.61 -0.08
C CYS A 138 -8.39 -8.67 0.55
N GLY A 139 -7.42 -8.03 -0.11
CA GLY A 139 -6.07 -7.97 0.44
C GLY A 139 -6.05 -7.35 1.83
N ILE A 140 -6.75 -6.23 1.98
CA ILE A 140 -6.84 -5.52 3.26
C ILE A 140 -7.58 -6.35 4.31
N LYS A 141 -8.66 -7.00 3.91
CA LYS A 141 -9.37 -7.89 4.82
C LYS A 141 -8.40 -8.95 5.36
N HIS A 142 -7.66 -9.59 4.46
CA HIS A 142 -6.72 -10.63 4.82
C HIS A 142 -5.68 -10.19 5.84
N LEU A 143 -5.08 -9.01 5.59
CA LEU A 143 -4.17 -8.40 6.55
C LEU A 143 -4.84 -8.15 7.90
N HIS A 144 -6.02 -7.55 7.89
CA HIS A 144 -6.73 -7.23 9.12
C HIS A 144 -7.01 -8.48 9.96
N SER A 145 -7.32 -9.57 9.27
CA SER A 145 -7.61 -10.86 9.92
C SER A 145 -6.38 -11.45 10.62
N ALA A 146 -5.19 -10.92 10.31
CA ALA A 146 -3.96 -11.33 10.99
C ALA A 146 -3.53 -10.27 12.00
N GLY A 147 -4.38 -9.26 12.18
CA GLY A 147 -4.05 -8.14 13.03
C GLY A 147 -3.07 -7.19 12.39
N ILE A 148 -2.95 -7.24 11.07
CA ILE A 148 -2.11 -6.29 10.34
C ILE A 148 -2.97 -5.14 9.81
N ILE A 149 -2.77 -3.94 10.36
CA ILE A 149 -3.46 -2.75 9.88
C ILE A 149 -2.42 -1.89 9.16
N HIS A 150 -2.63 -1.64 7.86
CA HIS A 150 -1.60 -1.09 6.95
C HIS A 150 -1.29 0.38 7.23
N ARG A 151 -2.31 1.21 7.09
CA ARG A 151 -2.26 2.66 7.38
C ARG A 151 -1.47 3.46 6.36
N ASP A 152 -0.83 2.82 5.40
CA ASP A 152 -0.10 3.58 4.38
C ASP A 152 -0.28 3.01 2.99
N LEU A 153 -1.50 2.60 2.67
CA LEU A 153 -1.78 2.06 1.36
C LEU A 153 -1.71 3.18 0.32
N LYS A 154 -1.04 2.90 -0.80
CA LYS A 154 -0.90 3.88 -1.86
C LYS A 154 -0.65 3.20 -3.20
N PRO A 155 -1.08 3.83 -4.30
CA PRO A 155 -1.04 3.17 -5.59
C PRO A 155 0.35 2.78 -6.09
N SER A 156 1.39 3.54 -5.73
CA SER A 156 2.77 3.18 -6.12
C SER A 156 3.26 1.85 -5.52
N ASN A 157 2.62 1.36 -4.46
CA ASN A 157 2.99 0.07 -3.86
C ASN A 157 1.97 -1.03 -4.18
N ILE A 158 1.16 -0.80 -5.21
CA ILE A 158 0.21 -1.79 -5.69
C ILE A 158 0.50 -2.11 -7.16
N VAL A 159 0.51 -3.39 -7.49
CA VAL A 159 0.78 -3.79 -8.87
C VAL A 159 -0.35 -4.60 -9.49
N VAL A 160 -0.45 -4.55 -10.81
CA VAL A 160 -1.53 -5.21 -11.53
C VAL A 160 -1.00 -5.99 -12.74
N LYS A 161 -1.74 -7.00 -13.11
CA LYS A 161 -1.50 -7.74 -14.33
C LYS A 161 -2.51 -7.30 -15.39
N SER A 162 -2.21 -7.64 -16.65
CA SER A 162 -3.08 -7.34 -17.79
C SER A 162 -4.48 -7.90 -17.67
N ASP A 163 -4.62 -9.04 -16.96
CA ASP A 163 -5.92 -9.63 -16.70
C ASP A 163 -6.65 -8.99 -15.49
N CYS A 164 -6.18 -7.80 -15.10
CA CYS A 164 -6.80 -7.01 -14.03
C CYS A 164 -6.65 -7.58 -12.61
N THR A 165 -5.79 -8.60 -12.45
CA THR A 165 -5.45 -9.08 -11.12
C THR A 165 -4.45 -8.14 -10.42
N LEU A 166 -4.55 -8.09 -9.09
CA LEU A 166 -3.91 -7.05 -8.30
C LEU A 166 -3.17 -7.64 -7.10
N LYS A 167 -2.03 -7.05 -6.75
CA LYS A 167 -1.35 -7.42 -5.51
C LYS A 167 -0.81 -6.18 -4.77
N ILE A 168 -1.02 -6.18 -3.45
CA ILE A 168 -0.44 -5.19 -2.54
C ILE A 168 0.97 -5.64 -2.15
N LEU A 169 1.95 -4.74 -2.27
CA LEU A 169 3.36 -5.10 -2.12
C LEU A 169 4.01 -4.91 -0.75
N ASP A 170 3.37 -4.14 0.13
CA ASP A 170 3.98 -3.76 1.40
C ASP A 170 2.98 -3.90 2.55
N PHE A 171 3.46 -3.71 3.78
CA PHE A 171 2.64 -3.98 4.97
C PHE A 171 2.43 -2.75 5.85
N GLY A 172 2.77 -1.59 5.30
CA GLY A 172 2.46 -0.31 5.92
C GLY A 172 3.37 0.12 7.06
N LEU A 173 2.77 0.86 8.00
CA LEU A 173 3.50 1.52 9.08
C LEU A 173 3.77 0.58 10.25
N ALA A 174 4.84 0.85 10.99
CA ALA A 174 5.15 0.09 12.20
C ALA A 174 4.07 0.37 13.26
N ARG A 175 3.53 -0.71 13.84
CA ARG A 175 2.41 -0.64 14.78
C ARG A 175 2.61 0.36 15.92
N THR A 176 3.81 0.39 16.49
CA THR A 176 4.14 1.38 17.53
C THR A 176 5.02 2.49 16.97
N ALA A 177 6.01 2.12 16.15
CA ALA A 177 6.93 3.07 15.49
C ALA A 177 7.58 4.05 16.48
N SER A 180 11.30 7.06 11.86
CA SER A 180 11.93 8.03 12.74
C SER A 180 12.75 9.07 11.96
N PHE A 181 13.66 8.58 11.11
CA PHE A 181 14.55 9.43 10.30
C PHE A 181 15.39 8.62 9.32
N MET A 182 15.66 9.22 8.16
CA MET A 182 16.64 8.71 7.20
C MET A 182 17.20 9.84 6.34
N MET A 183 18.47 9.73 5.97
CA MET A 183 19.15 10.74 5.16
C MET A 183 18.79 10.58 3.68
N THR A 184 17.51 10.31 3.43
CA THR A 184 16.99 9.99 2.09
C THR A 184 16.98 11.18 1.14
N PRO A 185 17.28 10.93 -0.15
CA PRO A 185 17.00 11.91 -1.20
C PRO A 185 15.52 11.93 -1.60
N TYR A 186 14.83 10.80 -1.39
CA TYR A 186 13.45 10.64 -1.84
C TYR A 186 12.41 10.80 -0.73
N VAL A 187 11.39 11.63 -0.99
CA VAL A 187 10.31 11.91 -0.04
C VAL A 187 9.25 10.80 0.03
N VAL A 188 8.51 10.77 1.12
CA VAL A 188 7.44 9.80 1.32
C VAL A 188 6.11 10.34 0.78
N THR A 189 5.36 9.49 0.08
CA THR A 189 4.04 9.86 -0.41
C THR A 189 3.00 9.72 0.70
N ARG A 190 2.39 10.84 1.08
CA ARG A 190 1.49 10.86 2.24
C ARG A 190 0.02 11.13 1.90
N TYR A 191 -0.29 11.31 0.61
CA TYR A 191 -1.61 11.79 0.18
C TYR A 191 -2.78 10.85 0.46
N TYR A 192 -2.50 9.56 0.69
CA TYR A 192 -3.56 8.53 0.82
C TYR A 192 -3.78 8.16 2.29
N ARG A 193 -3.12 8.89 3.18
CA ARG A 193 -3.19 8.62 4.61
C ARG A 193 -4.45 9.18 5.24
N ALA A 194 -5.07 8.40 6.12
CA ALA A 194 -6.30 8.78 6.80
C ALA A 194 -6.11 9.99 7.72
N PRO A 195 -7.21 10.74 7.98
CA PRO A 195 -7.19 11.80 8.99
C PRO A 195 -6.59 11.34 10.31
N GLU A 196 -6.93 10.12 10.75
CA GLU A 196 -6.41 9.62 12.02
C GLU A 196 -4.89 9.38 12.03
N VAL A 197 -4.31 9.21 10.84
CA VAL A 197 -2.85 9.16 10.66
C VAL A 197 -2.26 10.58 10.57
N ILE A 198 -2.91 11.44 9.80
CA ILE A 198 -2.50 12.83 9.68
C ILE A 198 -2.52 13.54 11.04
N LEU A 199 -3.49 13.20 11.88
CA LEU A 199 -3.71 13.91 13.14
C LEU A 199 -3.27 13.13 14.39
N GLY A 200 -2.60 11.99 14.17
CA GLY A 200 -2.10 11.13 15.25
C GLY A 200 -3.15 10.72 16.26
N MET A 201 -4.20 10.06 15.79
CA MET A 201 -5.43 9.92 16.57
C MET A 201 -5.69 8.61 17.27
N GLY A 202 -5.04 7.54 16.85
CA GLY A 202 -5.56 6.23 17.21
C GLY A 202 -6.59 5.84 16.16
N TYR A 203 -6.69 4.55 15.88
CA TYR A 203 -7.34 4.11 14.67
C TYR A 203 -7.81 2.69 14.85
N LYS A 204 -8.66 2.26 13.93
CA LYS A 204 -9.08 0.86 13.85
C LYS A 204 -8.90 0.40 12.39
N GLU A 205 -9.45 -0.76 12.06
CA GLU A 205 -9.33 -1.35 10.73
C GLU A 205 -9.68 -0.39 9.58
N ASN A 206 -10.72 0.43 9.74
CA ASN A 206 -11.19 1.26 8.62
C ASN A 206 -10.35 2.49 8.30
N VAL A 207 -9.19 2.61 8.94
CA VAL A 207 -8.18 3.59 8.55
C VAL A 207 -7.79 3.32 7.08
N ASP A 208 -7.78 2.05 6.69
CA ASP A 208 -7.41 1.61 5.34
C ASP A 208 -8.45 1.90 4.28
N ILE A 209 -9.71 2.02 4.69
CA ILE A 209 -10.82 2.43 3.80
C ILE A 209 -10.62 3.84 3.23
N TRP A 210 -10.08 4.74 4.06
CA TRP A 210 -9.80 6.08 3.60
C TRP A 210 -8.87 6.06 2.39
N SER A 211 -7.77 5.31 2.50
CA SER A 211 -6.79 5.17 1.41
C SER A 211 -7.40 4.57 0.15
N VAL A 212 -8.23 3.53 0.31
CA VAL A 212 -8.96 2.95 -0.83
C VAL A 212 -9.86 4.02 -1.49
N GLY A 213 -10.50 4.85 -0.67
CA GLY A 213 -11.34 5.94 -1.16
C GLY A 213 -10.55 6.96 -1.96
N CYS A 214 -9.34 7.27 -1.48
CA CYS A 214 -8.46 8.24 -2.16
C CYS A 214 -8.04 7.70 -3.52
N ILE A 215 -7.82 6.39 -3.59
CA ILE A 215 -7.43 5.74 -4.84
C ILE A 215 -8.63 5.74 -5.81
N MET A 216 -9.77 5.31 -5.31
CA MET A 216 -11.00 5.29 -6.11
C MET A 216 -11.35 6.66 -6.70
N GLY A 217 -11.28 7.69 -5.87
CA GLY A 217 -11.55 9.06 -6.28
C GLY A 217 -10.56 9.55 -7.31
N GLU A 218 -9.32 9.10 -7.18
CA GLU A 218 -8.29 9.48 -8.14
C GLU A 218 -8.50 8.76 -9.48
N MET A 219 -8.96 7.51 -9.42
CA MET A 219 -9.37 6.77 -10.61
C MET A 219 -10.46 7.49 -11.40
N VAL A 220 -11.32 8.21 -10.68
CA VAL A 220 -12.41 8.98 -11.28
C VAL A 220 -11.92 10.37 -11.71
N ARG A 221 -11.30 11.09 -10.78
CA ARG A 221 -10.92 12.49 -11.01
C ARG A 221 -9.66 12.65 -11.84
N HIS A 222 -8.82 11.60 -11.87
CA HIS A 222 -7.49 11.63 -12.51
C HIS A 222 -6.57 12.71 -11.95
N LYS A 223 -6.83 13.10 -10.71
CA LYS A 223 -5.97 13.99 -9.95
C LYS A 223 -5.92 13.48 -8.51
N ILE A 224 -4.78 13.66 -7.87
CA ILE A 224 -4.63 13.32 -6.46
C ILE A 224 -5.64 14.16 -5.66
N LEU A 225 -6.47 13.50 -4.88
CA LEU A 225 -7.55 14.18 -4.16
C LEU A 225 -7.04 15.16 -3.13
N PHE A 226 -6.01 14.77 -2.38
CA PHE A 226 -5.53 15.58 -1.28
C PHE A 226 -4.02 15.80 -1.36
N PRO A 227 -3.57 16.58 -2.34
CA PRO A 227 -2.15 16.87 -2.43
C PRO A 227 -1.72 17.81 -1.31
N GLY A 228 -0.41 17.98 -1.13
CA GLY A 228 0.12 18.90 -0.13
C GLY A 228 1.58 18.66 0.10
N ARG A 229 2.33 19.75 0.33
CA ARG A 229 3.76 19.69 0.65
C ARG A 229 3.99 18.92 1.94
N ASP A 230 3.06 19.08 2.87
CA ASP A 230 3.14 18.50 4.21
C ASP A 230 1.73 18.29 4.72
N TYR A 231 1.60 17.71 5.92
CA TYR A 231 0.29 17.46 6.54
C TYR A 231 -0.64 18.70 6.66
N ILE A 232 -0.06 19.88 6.85
CA ILE A 232 -0.83 21.14 6.99
C ILE A 232 -1.61 21.38 5.71
N ASP A 233 -0.85 21.43 4.62
CA ASP A 233 -1.36 21.55 3.26
C ASP A 233 -2.38 20.46 2.94
N GLN A 234 -2.08 19.23 3.36
CA GLN A 234 -2.94 18.09 3.10
C GLN A 234 -4.29 18.22 3.81
N TRP A 235 -4.25 18.60 5.09
CA TRP A 235 -5.46 18.77 5.87
C TRP A 235 -6.35 19.87 5.30
N ASN A 236 -5.74 20.97 4.85
CA ASN A 236 -6.48 22.04 4.20
C ASN A 236 -7.26 21.54 2.98
N LYS A 237 -6.60 20.73 2.16
CA LYS A 237 -7.23 20.14 0.98
C LYS A 237 -8.39 19.21 1.37
N VAL A 238 -8.27 18.53 2.50
CA VAL A 238 -9.31 17.64 3.00
C VAL A 238 -10.56 18.38 3.49
N ILE A 239 -10.38 19.44 4.27
CA ILE A 239 -11.52 20.12 4.88
C ILE A 239 -12.30 20.96 3.89
N GLU A 240 -11.62 21.57 2.92
CA GLU A 240 -12.32 22.41 1.95
C GLU A 240 -13.21 21.60 1.02
N GLN A 241 -12.82 20.35 0.76
CA GLN A 241 -13.60 19.47 -0.11
C GLN A 241 -14.70 18.75 0.65
N LEU A 242 -14.38 18.30 1.87
CA LEU A 242 -15.31 17.50 2.65
C LEU A 242 -15.96 18.25 3.83
N GLY A 243 -15.36 19.38 4.20
CA GLY A 243 -15.87 20.19 5.31
C GLY A 243 -15.30 19.83 6.69
N THR A 244 -15.50 20.73 7.63
CA THR A 244 -15.05 20.57 9.00
C THR A 244 -15.81 19.42 9.67
N PRO A 245 -15.09 18.53 10.37
CA PRO A 245 -15.75 17.40 11.03
C PRO A 245 -16.63 17.83 12.22
N CYS A 246 -17.51 16.94 12.64
CA CYS A 246 -18.42 17.17 13.76
C CYS A 246 -17.71 17.21 15.12
N PRO A 247 -18.26 17.98 16.09
CA PRO A 247 -17.76 18.07 17.46
C PRO A 247 -17.29 16.75 18.08
N GLU A 248 -18.03 15.67 17.80
CA GLU A 248 -17.73 14.34 18.32
C GLU A 248 -16.37 13.85 17.85
N PHE A 249 -16.00 14.24 16.62
CA PHE A 249 -14.69 13.94 16.05
C PHE A 249 -13.57 14.65 16.82
N MET A 250 -13.77 15.94 17.08
CA MET A 250 -12.86 16.77 17.88
C MET A 250 -12.45 16.15 19.23
N LYS A 251 -13.45 15.67 19.98
CA LYS A 251 -13.23 15.09 21.31
C LYS A 251 -12.15 14.01 21.36
N LYS A 252 -11.92 13.37 20.22
CA LYS A 252 -10.97 12.26 20.15
C LYS A 252 -9.58 12.73 19.68
N LEU A 253 -9.41 14.05 19.59
CA LEU A 253 -8.12 14.67 19.25
C LEU A 253 -7.35 15.10 20.50
N GLN A 254 -6.03 14.87 20.49
CA GLN A 254 -5.13 15.42 21.51
C GLN A 254 -5.34 16.93 21.61
N PRO A 255 -5.35 17.48 22.85
CA PRO A 255 -5.64 18.89 23.06
C PRO A 255 -4.85 19.82 22.15
N THR A 256 -3.61 19.45 21.83
CA THR A 256 -2.76 20.29 20.98
C THR A 256 -3.17 20.27 19.49
N VAL A 257 -3.52 19.09 18.98
CA VAL A 257 -4.01 18.99 17.61
C VAL A 257 -5.45 19.51 17.53
N ARG A 258 -6.25 19.23 18.57
CA ARG A 258 -7.60 19.77 18.68
C ARG A 258 -7.64 21.30 18.53
N ASN A 259 -6.80 22.01 19.29
CA ASN A 259 -6.69 23.46 19.15
C ASN A 259 -6.44 23.86 17.70
N TYR A 260 -5.44 23.22 17.09
CA TYR A 260 -5.08 23.54 15.71
C TYR A 260 -6.23 23.31 14.70
N VAL A 261 -6.93 22.18 14.85
CA VAL A 261 -7.98 21.79 13.91
C VAL A 261 -9.24 22.64 14.13
N GLU A 262 -9.65 22.74 15.40
CA GLU A 262 -10.80 23.56 15.82
C GLU A 262 -10.62 25.02 15.42
N ASN A 263 -9.41 25.37 14.96
CA ASN A 263 -9.04 26.76 14.66
C ASN A 263 -8.68 27.07 13.20
N ARG A 264 -8.83 26.10 12.31
CA ARG A 264 -8.56 26.34 10.88
C ARG A 264 -9.70 27.15 10.23
N PRO A 265 -9.41 27.86 9.11
CA PRO A 265 -10.46 28.52 8.33
C PRO A 265 -11.55 27.53 7.97
N LYS A 266 -12.78 27.79 8.44
CA LYS A 266 -13.88 26.82 8.43
C LYS A 266 -14.47 26.60 7.02
N TYR A 267 -15.06 25.41 6.82
CA TYR A 267 -15.58 24.97 5.52
C TYR A 267 -16.81 24.07 5.61
N ALA A 268 -17.81 24.35 4.76
CA ALA A 268 -19.02 23.53 4.71
C ALA A 268 -18.77 22.21 4.00
N GLY A 269 -17.95 22.27 2.96
CA GLY A 269 -17.61 21.09 2.17
C GLY A 269 -18.64 20.84 1.08
N LEU A 270 -18.17 20.30 -0.04
CA LEU A 270 -19.01 20.06 -1.20
C LEU A 270 -19.72 18.70 -1.10
N THR A 271 -20.89 18.60 -1.74
CA THR A 271 -21.57 17.32 -1.89
C THR A 271 -20.78 16.46 -2.87
N PHE A 272 -21.01 15.15 -2.82
CA PHE A 272 -20.29 14.23 -3.70
C PHE A 272 -20.62 14.34 -5.19
N PRO A 273 -21.89 14.67 -5.54
CA PRO A 273 -22.16 15.00 -6.94
C PRO A 273 -21.30 16.16 -7.44
N LYS A 274 -21.06 17.13 -6.58
CA LYS A 274 -20.18 18.26 -6.91
C LYS A 274 -18.71 17.81 -6.94
N LEU A 275 -18.30 17.05 -5.93
CA LEU A 275 -16.93 16.54 -5.84
C LEU A 275 -16.54 15.69 -7.04
N PHE A 276 -17.47 14.84 -7.47
CA PHE A 276 -17.29 13.98 -8.64
C PHE A 276 -18.48 14.08 -9.59
N PRO A 277 -18.48 15.11 -10.47
CA PRO A 277 -19.58 15.33 -11.42
C PRO A 277 -19.82 14.16 -12.38
N ASP A 278 -21.02 14.11 -12.96
CA ASP A 278 -21.41 13.07 -13.91
C ASP A 278 -20.51 13.00 -15.13
N SER A 279 -20.02 14.15 -15.58
CA SER A 279 -19.08 14.23 -16.69
C SER A 279 -17.84 13.35 -16.53
N LEU A 280 -17.52 13.00 -15.29
CA LEU A 280 -16.36 12.15 -14.98
C LEU A 280 -16.67 10.68 -15.17
N PHE A 281 -17.97 10.33 -15.14
CA PHE A 281 -18.37 8.94 -15.21
C PHE A 281 -18.85 8.52 -16.58
N PRO A 282 -18.52 7.28 -16.99
CA PRO A 282 -19.20 6.63 -18.09
C PRO A 282 -20.70 6.58 -17.77
N ALA A 283 -21.48 7.24 -18.62
CA ALA A 283 -22.94 7.31 -18.48
C ALA A 283 -23.61 7.32 -19.87
N ASP A 284 -23.23 6.34 -20.69
CA ASP A 284 -23.71 6.20 -22.06
C ASP A 284 -24.78 5.10 -22.20
N SER A 285 -24.97 4.35 -21.12
CA SER A 285 -25.94 3.26 -21.09
C SER A 285 -26.59 3.27 -19.72
N GLU A 286 -27.78 2.69 -19.62
CA GLU A 286 -28.43 2.59 -18.32
C GLU A 286 -27.53 1.87 -17.32
N HIS A 287 -26.84 0.83 -17.77
CA HIS A 287 -25.91 0.09 -16.91
C HIS A 287 -24.86 1.01 -16.28
N ASN A 288 -24.24 1.82 -17.12
CA ASN A 288 -23.21 2.76 -16.69
C ASN A 288 -23.72 3.92 -15.85
N LYS A 289 -24.94 4.38 -16.14
CA LYS A 289 -25.56 5.43 -15.33
C LYS A 289 -25.82 4.90 -13.92
N LEU A 290 -26.31 3.68 -13.83
CA LEU A 290 -26.51 3.03 -12.54
C LEU A 290 -25.19 2.85 -11.78
N LYS A 291 -24.17 2.32 -12.46
CA LYS A 291 -22.85 2.14 -11.85
C LYS A 291 -22.22 3.44 -11.40
N ALA A 292 -22.42 4.52 -12.15
CA ALA A 292 -21.94 5.85 -11.74
C ALA A 292 -22.54 6.25 -10.39
N SER A 293 -23.82 5.95 -10.24
CA SER A 293 -24.55 6.30 -9.02
C SER A 293 -24.03 5.49 -7.85
N GLN A 294 -23.79 4.21 -8.08
CA GLN A 294 -23.29 3.31 -7.04
C GLN A 294 -21.85 3.63 -6.66
N ALA A 295 -21.05 4.02 -7.65
CA ALA A 295 -19.66 4.39 -7.39
C ALA A 295 -19.61 5.62 -6.46
N ARG A 296 -20.38 6.65 -6.80
CA ARG A 296 -20.41 7.86 -5.97
C ARG A 296 -20.94 7.61 -4.56
N ASP A 297 -21.90 6.69 -4.43
CA ASP A 297 -22.40 6.29 -3.11
C ASP A 297 -21.27 5.67 -2.26
N LEU A 298 -20.50 4.75 -2.86
CA LEU A 298 -19.37 4.13 -2.17
C LEU A 298 -18.31 5.17 -1.78
N LEU A 299 -17.93 5.99 -2.74
CA LEU A 299 -17.01 7.09 -2.49
C LEU A 299 -17.46 7.91 -1.30
N SER A 300 -18.74 8.32 -1.30
CA SER A 300 -19.30 9.14 -0.22
C SER A 300 -19.23 8.46 1.14
N LYS A 301 -19.07 7.14 1.13
CA LYS A 301 -19.01 6.38 2.37
C LYS A 301 -17.57 6.08 2.80
N MET A 302 -16.63 6.17 1.87
CA MET A 302 -15.22 5.85 2.17
C MET A 302 -14.45 7.10 2.55
N LEU A 303 -14.74 8.20 1.86
CA LEU A 303 -14.09 9.47 2.14
C LEU A 303 -14.88 10.22 3.21
N VAL A 304 -14.96 9.61 4.39
CA VAL A 304 -15.62 10.21 5.54
C VAL A 304 -14.50 10.52 6.56
N ILE A 305 -14.37 11.78 6.95
CA ILE A 305 -13.28 12.22 7.82
C ILE A 305 -13.31 11.47 9.15
N ASP A 306 -14.49 11.41 9.76
CA ASP A 306 -14.67 10.76 11.05
C ASP A 306 -14.74 9.24 10.87
N PRO A 307 -13.77 8.50 11.46
CA PRO A 307 -13.69 7.03 11.35
C PRO A 307 -14.92 6.32 11.90
N ALA A 308 -15.59 6.96 12.86
CA ALA A 308 -16.79 6.39 13.48
C ALA A 308 -17.93 6.33 12.48
N LYS A 309 -17.90 7.22 11.49
CA LYS A 309 -18.95 7.29 10.50
C LYS A 309 -18.56 6.71 9.12
N ARG A 310 -17.29 6.32 8.97
CA ARG A 310 -16.76 5.77 7.72
C ARG A 310 -17.06 4.27 7.62
N ILE A 311 -17.38 3.78 6.41
CA ILE A 311 -17.71 2.36 6.24
C ILE A 311 -16.53 1.44 6.56
N SER A 312 -16.88 0.24 6.98
CA SER A 312 -15.93 -0.79 7.31
C SER A 312 -15.57 -1.57 6.05
N VAL A 313 -14.56 -2.42 6.17
CA VAL A 313 -14.12 -3.27 5.06
C VAL A 313 -15.23 -4.26 4.68
N ASP A 314 -15.85 -4.87 5.68
CA ASP A 314 -16.93 -5.82 5.47
C ASP A 314 -18.16 -5.21 4.78
N ASP A 315 -18.52 -3.99 5.17
CA ASP A 315 -19.64 -3.31 4.54
C ASP A 315 -19.29 -2.83 3.12
N ALA A 316 -18.05 -2.37 2.90
CA ALA A 316 -17.61 -2.02 1.54
C ALA A 316 -17.69 -3.22 0.59
N LEU A 317 -17.28 -4.39 1.09
CA LEU A 317 -17.38 -5.65 0.34
C LEU A 317 -18.83 -6.06 0.04
N GLN A 318 -19.76 -5.51 0.81
CA GLN A 318 -21.20 -5.78 0.66
C GLN A 318 -21.88 -4.75 -0.24
N HIS A 319 -21.20 -3.62 -0.48
CA HIS A 319 -21.75 -2.57 -1.32
C HIS A 319 -22.00 -3.09 -2.74
N PRO A 320 -23.15 -2.72 -3.34
CA PRO A 320 -23.53 -3.20 -4.69
C PRO A 320 -22.51 -2.91 -5.79
N TYR A 321 -21.73 -1.83 -5.67
CA TYR A 321 -20.64 -1.57 -6.62
C TYR A 321 -19.56 -2.66 -6.57
N ILE A 322 -19.37 -3.26 -5.41
CA ILE A 322 -18.28 -4.19 -5.17
C ILE A 322 -18.78 -5.64 -5.17
N ASN A 323 -19.96 -5.85 -4.63
CA ASN A 323 -20.37 -7.20 -4.26
C ASN A 323 -20.61 -8.15 -5.43
N VAL A 324 -20.65 -7.60 -6.65
CA VAL A 324 -20.79 -8.42 -7.86
C VAL A 324 -19.63 -9.41 -8.00
N TRP A 325 -18.50 -9.12 -7.34
CA TRP A 325 -17.31 -9.98 -7.40
C TRP A 325 -17.20 -10.92 -6.20
N TYR A 326 -17.98 -10.67 -5.16
CA TYR A 326 -17.86 -11.38 -3.89
C TYR A 326 -17.70 -12.89 -4.07
N ASP A 327 -16.68 -13.44 -3.39
CA ASP A 327 -16.37 -14.87 -3.42
C ASP A 327 -15.82 -15.27 -2.04
N PRO A 328 -16.52 -16.19 -1.33
CA PRO A 328 -16.15 -16.60 0.03
C PRO A 328 -14.72 -17.11 0.13
N ALA A 329 -14.25 -17.79 -0.91
CA ALA A 329 -12.89 -18.32 -0.94
C ALA A 329 -11.85 -17.18 -0.95
N GLU A 330 -12.24 -16.02 -1.51
CA GLU A 330 -11.35 -14.85 -1.59
C GLU A 330 -11.49 -13.89 -0.41
N VAL A 331 -12.73 -13.75 0.09
CA VAL A 331 -13.04 -12.80 1.15
C VAL A 331 -12.78 -13.40 2.53
N GLU A 332 -13.05 -14.71 2.67
CA GLU A 332 -12.98 -15.38 3.96
C GLU A 332 -11.88 -16.44 4.06
N ALA A 333 -10.75 -16.18 3.42
CA ALA A 333 -9.57 -17.05 3.49
C ALA A 333 -9.03 -17.19 4.94
N PRO A 334 -8.37 -18.32 5.26
CA PRO A 334 -7.83 -18.49 6.61
C PRO A 334 -6.71 -17.49 6.94
N PRO A 335 -6.76 -16.89 8.15
CA PRO A 335 -5.79 -15.87 8.58
C PRO A 335 -4.35 -16.36 8.61
N PRO A 336 -3.39 -15.45 8.35
CA PRO A 336 -1.95 -15.72 8.43
C PRO A 336 -1.47 -16.05 9.84
N GLN A 337 -0.38 -16.81 9.93
CA GLN A 337 0.18 -17.23 11.21
C GLN A 337 1.28 -16.28 11.69
N LYS A 341 8.21 -12.66 16.17
CA LYS A 341 6.88 -13.13 15.81
C LYS A 341 5.81 -12.27 16.50
N GLN A 342 5.56 -12.53 17.78
CA GLN A 342 4.62 -11.71 18.55
C GLN A 342 5.29 -10.49 19.18
N LEU A 343 6.61 -10.36 18.98
CA LEU A 343 7.40 -9.27 19.55
C LEU A 343 7.86 -8.27 18.48
N ASP A 344 7.31 -8.40 17.27
CA ASP A 344 7.75 -7.65 16.08
C ASP A 344 8.36 -6.26 16.33
N GLU A 345 7.60 -5.38 16.98
CA GLU A 345 8.04 -4.02 17.24
C GLU A 345 9.05 -3.91 18.37
N ARG A 346 10.31 -3.63 18.00
CA ARG A 346 11.41 -3.49 18.97
C ARG A 346 12.38 -2.37 18.55
N GLU A 347 13.37 -2.12 19.39
CA GLU A 347 14.45 -1.18 19.07
C GLU A 347 15.79 -1.89 19.16
N HIS A 348 16.66 -1.68 18.17
CA HIS A 348 17.94 -2.38 18.09
C HIS A 348 19.08 -1.53 17.51
N THR A 349 20.31 -1.93 17.79
CA THR A 349 21.49 -1.34 17.17
C THR A 349 21.65 -1.91 15.76
N ILE A 350 22.51 -1.27 14.95
CA ILE A 350 22.87 -1.78 13.63
C ILE A 350 23.20 -3.27 13.69
N GLU A 351 24.11 -3.62 14.59
CA GLU A 351 24.64 -4.97 14.69
C GLU A 351 23.57 -5.99 15.06
N GLU A 352 22.62 -5.57 15.90
CA GLU A 352 21.52 -6.45 16.31
C GLU A 352 20.55 -6.68 15.15
N TRP A 353 20.20 -5.61 14.45
CA TRP A 353 19.33 -5.70 13.27
C TRP A 353 19.94 -6.58 12.19
N LYS A 354 21.24 -6.39 11.94
CA LYS A 354 21.98 -7.18 10.98
C LYS A 354 21.77 -8.68 11.20
N GLU A 355 21.93 -9.12 12.45
CA GLU A 355 21.78 -10.54 12.78
C GLU A 355 20.33 -11.02 12.72
N LEU A 356 19.40 -10.17 13.16
CA LEU A 356 17.97 -10.50 13.09
C LEU A 356 17.54 -10.72 11.65
N ILE A 357 17.93 -9.81 10.76
CA ILE A 357 17.63 -9.92 9.34
C ILE A 357 18.34 -11.12 8.73
N TYR A 358 19.61 -11.30 9.07
CA TYR A 358 20.39 -12.42 8.56
C TYR A 358 19.79 -13.79 8.90
N LYS A 359 19.34 -13.97 10.13
CA LYS A 359 18.76 -15.26 10.54
C LYS A 359 17.43 -15.56 9.85
N GLU A 360 16.66 -14.51 9.56
CA GLU A 360 15.40 -14.64 8.85
C GLU A 360 15.63 -15.04 7.39
N VAL A 361 16.59 -14.37 6.74
CA VAL A 361 16.99 -14.73 5.38
C VAL A 361 17.43 -16.20 5.30
N MET A 362 18.25 -16.62 6.26
CA MET A 362 18.82 -17.98 6.27
C MET A 362 17.86 -19.04 6.80
N ASN A 363 16.77 -18.59 7.43
CA ASN A 363 15.75 -19.47 8.01
C ASN A 363 16.16 -20.12 9.32
#